data_4TXC
#
_entry.id   4TXC
#
_cell.length_a   49.900
_cell.length_b   77.290
_cell.length_c   110.120
_cell.angle_alpha   90.00
_cell.angle_beta   90.00
_cell.angle_gamma   90.00
#
_symmetry.space_group_name_H-M   'P 21 21 21'
#
loop_
_entity.id
_entity.type
_entity.pdbx_description
1 polymer 'Death-associated protein kinase 1'
2 non-polymer 4-(3-{3-[(R)-{[2-(dimethylamino)ethyl]amino}(hydroxy)methyl]phenyl}imidazo[1,2-b]pyridazin-6-yl)-2-methoxyphenol
3 non-polymer 1,2-ETHANEDIOL
4 water water
#
_entity_poly.entity_id   1
_entity_poly.type   'polypeptide(L)'
_entity_poly.pdbx_seq_one_letter_code
;GSSHHHHHHSSGLVPRGSHMTVFRQENVDDYYDTGEELGSGQFAVVKKCREKSTGLQYAAKFIKKRRTKSSRRGVSREDI
EREVSILKEIQHPNVITLHEVYENKTDVILILELVAGGELFDFLAEKESLTEEEATEFLKQILNGVYYLHSLQIAHFDLK
PENIMLLDRNVPKPRIKIIDFGLAHKIDFGNEFKNIFGTPEFVAPEIVNYEPLGLEADMWSIGVITYILLSGASPFLGDT
KQETLANVSAVNYEFEDEYFSNTSALAKDFIRRLLVKDPKKRMTIQDSLQHPWIKPKDTQQALS
;
_entity_poly.pdbx_strand_id   A
#
loop_
_chem_comp.id
_chem_comp.type
_chem_comp.name
_chem_comp.formula
38G non-polymer 4-(3-{3-[(R)-{[2-(dimethylamino)ethyl]amino}(hydroxy)methyl]phenyl}imidazo[1,2-b]pyridazin-6-yl)-2-methoxyphenol 'C24 H27 N5 O3'
EDO non-polymer 1,2-ETHANEDIOL 'C2 H6 O2'
#
# COMPACT_ATOMS: atom_id res chain seq x y z
N THR A 21 -18.56 14.04 6.94
CA THR A 21 -19.88 14.64 6.84
C THR A 21 -20.37 14.54 5.39
N VAL A 22 -21.69 14.39 5.21
CA VAL A 22 -22.36 14.31 3.91
C VAL A 22 -22.13 12.99 3.14
N PHE A 23 -22.22 11.87 3.85
CA PHE A 23 -22.18 10.54 3.23
C PHE A 23 -23.61 10.05 3.01
N ARG A 24 -23.82 9.12 2.09
CA ARG A 24 -25.16 8.60 1.77
C ARG A 24 -25.85 7.97 2.99
N GLN A 25 -27.08 8.41 3.28
CA GLN A 25 -27.80 7.99 4.48
C GLN A 25 -28.71 6.78 4.27
N GLU A 26 -28.92 6.41 3.01
CA GLU A 26 -29.79 5.29 2.68
C GLU A 26 -29.19 3.99 3.18
N ASN A 27 -30.02 2.97 3.32
CA ASN A 27 -29.52 1.65 3.65
C ASN A 27 -28.76 1.08 2.45
N VAL A 28 -27.47 0.80 2.64
CA VAL A 28 -26.65 0.26 1.56
C VAL A 28 -27.28 -1.04 1.03
N ASP A 29 -27.98 -1.79 1.89
CA ASP A 29 -28.62 -3.05 1.48
C ASP A 29 -29.78 -2.84 0.52
N ASP A 30 -30.27 -1.61 0.42
CA ASP A 30 -31.29 -1.33 -0.57
C ASP A 30 -30.66 -1.17 -1.96
N TYR A 31 -29.35 -0.97 -2.03
CA TYR A 31 -28.70 -0.68 -3.32
C TYR A 31 -27.68 -1.74 -3.78
N TYR A 32 -27.24 -2.58 -2.84
CA TYR A 32 -26.24 -3.60 -3.09
C TYR A 32 -26.65 -4.93 -2.49
N ASP A 33 -26.29 -6.02 -3.16
CA ASP A 33 -26.29 -7.33 -2.51
C ASP A 33 -24.87 -7.61 -2.03
N THR A 34 -24.71 -8.20 -0.84
CA THR A 34 -23.37 -8.43 -0.31
C THR A 34 -23.01 -9.90 -0.38
N GLY A 35 -21.73 -10.18 -0.57
CA GLY A 35 -21.27 -11.53 -0.74
C GLY A 35 -20.17 -11.90 0.24
N GLU A 36 -19.21 -12.69 -0.23
CA GLU A 36 -18.17 -13.24 0.63
C GLU A 36 -17.22 -12.17 1.19
N GLU A 37 -16.77 -12.41 2.43
CA GLU A 37 -15.72 -11.60 3.03
C GLU A 37 -14.39 -11.80 2.31
N LEU A 38 -13.72 -10.71 1.99
CA LEU A 38 -12.47 -10.76 1.23
C LEU A 38 -11.27 -10.58 2.14
N GLY A 39 -11.45 -9.81 3.20
CA GLY A 39 -10.37 -9.53 4.13
C GLY A 39 -10.93 -8.81 5.33
N SER A 40 -10.16 -8.73 6.40
CA SER A 40 -10.60 -8.03 7.59
C SER A 40 -9.43 -7.50 8.40
N GLY A 41 -9.59 -6.31 8.95
CA GLY A 41 -8.57 -5.70 9.78
C GLY A 41 -9.10 -5.56 11.18
N GLN A 42 -8.40 -4.80 12.01
CA GLN A 42 -8.85 -4.63 13.40
C GLN A 42 -10.18 -3.89 13.46
N PHE A 43 -10.35 -2.89 12.60
CA PHE A 43 -11.56 -2.06 12.64
C PHE A 43 -12.32 -2.03 11.31
N ALA A 44 -12.03 -2.96 10.43
CA ALA A 44 -12.67 -2.98 9.12
C ALA A 44 -12.84 -4.39 8.56
N VAL A 45 -13.87 -4.57 7.73
CA VAL A 45 -14.05 -5.81 6.98
C VAL A 45 -14.38 -5.42 5.52
N VAL A 46 -13.74 -6.10 4.57
CA VAL A 46 -14.02 -5.89 3.15
C VAL A 46 -14.81 -7.08 2.60
N LYS A 47 -15.94 -6.82 1.95
CA LYS A 47 -16.76 -7.86 1.32
C LYS A 47 -17.04 -7.57 -0.15
N LYS A 48 -17.27 -8.64 -0.93
CA LYS A 48 -17.67 -8.47 -2.32
C LYS A 48 -19.12 -8.02 -2.32
N CYS A 49 -19.49 -7.17 -3.26
CA CYS A 49 -20.89 -6.76 -3.34
C CYS A 49 -21.26 -6.54 -4.80
N ARG A 50 -22.57 -6.45 -5.06
CA ARG A 50 -23.09 -6.27 -6.42
C ARG A 50 -24.12 -5.15 -6.42
N GLU A 51 -23.87 -4.14 -7.26
CA GLU A 51 -24.78 -3.01 -7.38
C GLU A 51 -26.06 -3.46 -8.09
N LYS A 52 -27.22 -3.24 -7.48
CA LYS A 52 -28.49 -3.73 -8.02
C LYS A 52 -28.88 -3.07 -9.35
N SER A 53 -28.68 -1.76 -9.46
CA SER A 53 -29.08 -1.02 -10.65
C SER A 53 -28.30 -1.39 -11.91
N THR A 54 -27.06 -1.82 -11.74
CA THR A 54 -26.17 -2.07 -12.88
C THR A 54 -25.81 -3.54 -13.03
N GLY A 55 -25.96 -4.29 -11.95
CA GLY A 55 -25.41 -5.64 -11.87
C GLY A 55 -23.90 -5.72 -11.75
N LEU A 56 -23.23 -4.59 -11.55
CA LEU A 56 -21.76 -4.62 -11.56
C LEU A 56 -21.20 -4.93 -10.18
N GLN A 57 -20.09 -5.68 -10.11
CA GLN A 57 -19.49 -6.05 -8.83
C GLN A 57 -18.51 -4.98 -8.32
N TYR A 58 -18.55 -4.76 -7.01
CA TYR A 58 -17.70 -3.82 -6.30
C TYR A 58 -17.20 -4.49 -5.03
N ALA A 59 -16.33 -3.79 -4.31
CA ALA A 59 -15.94 -4.19 -2.96
C ALA A 59 -16.54 -3.20 -1.96
N ALA A 60 -16.98 -3.69 -0.81
CA ALA A 60 -17.52 -2.81 0.24
C ALA A 60 -16.62 -2.89 1.49
N LYS A 61 -16.00 -1.76 1.87
CA LYS A 61 -15.22 -1.72 3.10
C LYS A 61 -16.05 -1.11 4.23
N PHE A 62 -16.37 -1.94 5.23
CA PHE A 62 -17.17 -1.50 6.37
C PHE A 62 -16.22 -1.05 7.46
N ILE A 63 -16.21 0.24 7.78
CA ILE A 63 -15.30 0.75 8.80
C ILE A 63 -16.07 1.08 10.09
N LYS A 64 -15.69 0.46 11.19
CA LYS A 64 -16.34 0.73 12.47
C LYS A 64 -15.98 2.12 13.03
N LYS A 65 -16.99 2.95 13.24
CA LYS A 65 -16.79 4.24 13.91
C LYS A 65 -16.49 4.05 15.40
N ARG A 66 -15.59 4.85 15.97
CA ARG A 66 -15.35 4.68 17.41
C ARG A 66 -16.52 5.25 18.23
N ARG A 67 -17.20 6.25 17.68
CA ARG A 67 -18.43 6.83 18.27
C ARG A 67 -18.19 7.67 19.53
N THR A 68 -17.40 7.17 20.47
CA THR A 68 -16.95 8.01 21.58
C THR A 68 -15.43 8.20 21.55
N LYS A 69 -14.98 9.41 21.87
CA LYS A 69 -13.55 9.75 21.80
C LYS A 69 -12.67 8.91 22.72
N SER A 70 -13.27 8.37 23.77
CA SER A 70 -12.53 7.56 24.74
C SER A 70 -12.48 6.10 24.33
N SER A 71 -13.23 5.72 23.32
CA SER A 71 -13.24 4.33 22.88
C SER A 71 -12.04 4.02 22.00
N ARG A 72 -11.47 2.83 22.20
CA ARG A 72 -10.38 2.34 21.37
C ARG A 72 -10.85 1.28 20.37
N ARG A 73 -12.16 1.05 20.30
CA ARG A 73 -12.71 -0.03 19.48
C ARG A 73 -13.27 0.40 18.12
N GLY A 74 -12.69 1.44 17.53
CA GLY A 74 -13.15 1.92 16.23
C GLY A 74 -12.25 3.01 15.69
N VAL A 75 -12.58 3.53 14.52
CA VAL A 75 -11.75 4.53 13.85
C VAL A 75 -12.32 5.91 14.09
N SER A 76 -11.45 6.89 14.33
CA SER A 76 -11.89 8.27 14.53
C SER A 76 -12.45 8.80 13.23
N ARG A 77 -13.41 9.73 13.32
CA ARG A 77 -14.02 10.26 12.11
C ARG A 77 -13.02 11.07 11.31
N GLU A 78 -12.08 11.72 11.99
CA GLU A 78 -11.01 12.45 11.32
C GLU A 78 -10.24 11.53 10.36
N ASP A 79 -9.87 10.36 10.85
CA ASP A 79 -9.14 9.37 10.07
C ASP A 79 -9.99 8.86 8.92
N ILE A 80 -11.26 8.54 9.19
CA ILE A 80 -12.14 8.10 8.11
C ILE A 80 -12.28 9.17 7.03
N GLU A 81 -12.58 10.40 7.42
CA GLU A 81 -12.73 11.48 6.46
C GLU A 81 -11.44 11.73 5.66
N ARG A 82 -10.29 11.58 6.32
CA ARG A 82 -9.03 11.78 5.62
C ARG A 82 -8.86 10.74 4.52
N GLU A 83 -9.15 9.48 4.83
CA GLU A 83 -9.04 8.45 3.79
C GLU A 83 -10.03 8.69 2.65
N VAL A 84 -11.28 9.03 2.99
CA VAL A 84 -12.28 9.31 1.94
C VAL A 84 -11.86 10.48 1.06
N SER A 85 -11.36 11.54 1.70
CA SER A 85 -10.93 12.73 0.98
C SER A 85 -9.83 12.43 -0.05
N ILE A 86 -8.90 11.56 0.32
CA ILE A 86 -7.83 11.18 -0.60
C ILE A 86 -8.32 10.27 -1.74
N LEU A 87 -9.11 9.24 -1.40
CA LEU A 87 -9.67 8.33 -2.39
C LEU A 87 -10.52 9.07 -3.41
N LYS A 88 -11.24 10.11 -2.98
CA LYS A 88 -12.07 10.88 -3.91
C LYS A 88 -11.28 11.49 -5.07
N GLU A 89 -10.03 11.89 -4.81
CA GLU A 89 -9.18 12.53 -5.83
C GLU A 89 -8.63 11.55 -6.87
N ILE A 90 -8.52 10.28 -6.49
CA ILE A 90 -7.71 9.31 -7.24
C ILE A 90 -8.40 8.65 -8.44
N GLN A 91 -7.73 8.74 -9.58
CA GLN A 91 -8.13 8.00 -10.79
C GLN A 91 -6.88 7.61 -11.57
N HIS A 92 -6.50 6.34 -11.48
CA HIS A 92 -5.29 5.84 -12.13
C HIS A 92 -5.39 4.32 -12.24
N PRO A 93 -4.86 3.75 -13.33
CA PRO A 93 -4.94 2.30 -13.56
C PRO A 93 -4.35 1.43 -12.43
N ASN A 94 -3.34 1.92 -11.71
CA ASN A 94 -2.68 1.10 -10.70
C ASN A 94 -3.09 1.47 -9.26
N VAL A 95 -4.16 2.23 -9.10
CA VAL A 95 -4.67 2.53 -7.76
C VAL A 95 -6.18 2.28 -7.73
N ILE A 96 -6.66 1.76 -6.61
CA ILE A 96 -8.09 1.54 -6.40
C ILE A 96 -8.92 2.84 -6.52
N THR A 97 -10.13 2.72 -7.06
CA THR A 97 -11.01 3.88 -7.18
C THR A 97 -12.22 3.74 -6.26
N LEU A 98 -12.69 4.87 -5.78
CA LEU A 98 -13.84 4.97 -4.88
C LEU A 98 -15.11 5.24 -5.67
N HIS A 99 -16.17 4.48 -5.38
CA HIS A 99 -17.42 4.61 -6.14
C HIS A 99 -18.51 5.36 -5.36
N GLU A 100 -18.73 4.96 -4.10
CA GLU A 100 -19.74 5.58 -3.24
C GLU A 100 -19.36 5.49 -1.77
N VAL A 101 -19.94 6.36 -0.94
CA VAL A 101 -19.77 6.24 0.51
C VAL A 101 -21.14 6.28 1.22
N TYR A 102 -21.36 5.30 2.09
CA TYR A 102 -22.58 5.25 2.90
C TYR A 102 -22.22 5.37 4.38
N GLU A 103 -23.20 5.73 5.19
CA GLU A 103 -22.98 5.81 6.62
C GLU A 103 -24.22 5.39 7.37
N ASN A 104 -24.05 4.58 8.41
CA ASN A 104 -25.17 4.32 9.29
C ASN A 104 -24.73 4.62 10.73
N LYS A 105 -25.45 4.07 11.70
CA LYS A 105 -25.15 4.39 13.10
C LYS A 105 -23.80 3.88 13.57
N THR A 106 -23.34 2.73 13.07
CA THR A 106 -22.11 2.13 13.56
C THR A 106 -20.94 2.15 12.58
N ASP A 107 -21.23 2.26 11.28
CA ASP A 107 -20.20 2.10 10.23
C ASP A 107 -20.20 3.21 9.20
N VAL A 108 -19.02 3.46 8.63
CA VAL A 108 -18.91 4.14 7.34
C VAL A 108 -18.57 3.06 6.33
N ILE A 109 -19.28 3.07 5.20
CA ILE A 109 -19.16 2.02 4.21
C ILE A 109 -18.66 2.60 2.89
N LEU A 110 -17.46 2.18 2.49
CA LEU A 110 -16.85 2.61 1.23
C LEU A 110 -17.14 1.58 0.14
N ILE A 111 -17.80 2.02 -0.94
CA ILE A 111 -17.95 1.16 -2.11
C ILE A 111 -16.81 1.44 -3.06
N LEU A 112 -16.01 0.42 -3.31
CA LEU A 112 -14.75 0.56 -4.01
C LEU A 112 -14.67 -0.35 -5.23
N GLU A 113 -13.88 0.06 -6.21
CA GLU A 113 -13.54 -0.81 -7.36
C GLU A 113 -13.09 -2.17 -6.84
N LEU A 114 -13.63 -3.25 -7.38
CA LEU A 114 -13.24 -4.59 -6.94
C LEU A 114 -11.92 -5.04 -7.56
N VAL A 115 -11.02 -5.55 -6.72
CA VAL A 115 -9.82 -6.22 -7.22
C VAL A 115 -9.85 -7.68 -6.74
N ALA A 116 -10.10 -8.59 -7.67
CA ALA A 116 -10.43 -9.96 -7.29
C ALA A 116 -9.28 -10.95 -7.45
N GLY A 117 -8.10 -10.48 -7.83
CA GLY A 117 -7.01 -11.38 -8.17
C GLY A 117 -6.09 -11.79 -7.03
N GLY A 118 -6.36 -11.32 -5.82
CA GLY A 118 -5.52 -11.64 -4.69
C GLY A 118 -4.21 -10.86 -4.65
N GLU A 119 -3.37 -11.20 -3.67
CA GLU A 119 -2.09 -10.51 -3.47
C GLU A 119 -1.10 -10.88 -4.56
N LEU A 120 -0.35 -9.89 -5.02
CA LEU A 120 0.68 -10.12 -6.05
C LEU A 120 1.65 -11.25 -5.69
N PHE A 121 2.14 -11.26 -4.45
CA PHE A 121 3.18 -12.22 -4.09
C PHE A 121 2.63 -13.66 -3.98
N ASP A 122 1.35 -13.81 -3.69
CA ASP A 122 0.73 -15.14 -3.71
C ASP A 122 0.69 -15.68 -5.15
N PHE A 123 0.35 -14.80 -6.09
CA PHE A 123 0.37 -15.14 -7.50
C PHE A 123 1.77 -15.54 -7.95
N LEU A 124 2.76 -14.74 -7.58
CA LEU A 124 4.14 -15.00 -7.99
C LEU A 124 4.66 -16.32 -7.38
N ALA A 125 4.26 -16.59 -6.15
CA ALA A 125 4.68 -17.80 -5.43
C ALA A 125 4.20 -19.09 -6.09
N GLU A 126 3.22 -18.98 -6.98
CA GLU A 126 2.68 -20.14 -7.66
C GLU A 126 3.33 -20.35 -9.02
N LYS A 127 4.15 -19.41 -9.45
CA LYS A 127 4.87 -19.52 -10.72
C LYS A 127 6.01 -20.51 -10.60
N GLU A 128 6.40 -21.12 -11.72
CA GLU A 128 7.48 -22.10 -11.74
C GLU A 128 8.81 -21.44 -11.44
N SER A 129 9.04 -20.30 -12.07
CA SER A 129 10.20 -19.47 -11.80
C SER A 129 9.86 -18.05 -12.24
N LEU A 130 10.74 -17.11 -11.95
CA LEU A 130 10.50 -15.73 -12.35
C LEU A 130 11.81 -15.03 -12.62
N THR A 131 11.98 -14.55 -13.85
CA THR A 131 13.21 -13.82 -14.17
C THR A 131 13.16 -12.41 -13.59
N GLU A 132 14.33 -11.80 -13.50
CA GLU A 132 14.45 -10.44 -13.04
C GLU A 132 13.66 -9.50 -13.94
N GLU A 133 13.77 -9.70 -15.26
CA GLU A 133 13.05 -8.89 -16.23
C GLU A 133 11.55 -8.97 -15.99
N GLU A 134 11.07 -10.17 -15.70
CA GLU A 134 9.65 -10.42 -15.42
C GLU A 134 9.23 -9.76 -14.10
N ALA A 135 10.11 -9.83 -13.10
CA ALA A 135 9.85 -9.17 -11.83
C ALA A 135 9.73 -7.66 -12.01
N THR A 136 10.60 -7.06 -12.83
CA THR A 136 10.57 -5.61 -13.00
C THR A 136 9.30 -5.15 -13.72
N GLU A 137 8.66 -6.04 -14.49
CA GLU A 137 7.42 -5.69 -15.15
C GLU A 137 6.29 -5.43 -14.15
N PHE A 138 6.24 -6.22 -13.08
CA PHE A 138 5.26 -5.98 -12.03
C PHE A 138 5.66 -4.77 -11.20
N LEU A 139 6.94 -4.67 -10.87
CA LEU A 139 7.44 -3.55 -10.07
C LEU A 139 7.18 -2.19 -10.74
N LYS A 140 7.37 -2.13 -12.06
CA LYS A 140 7.09 -0.90 -12.80
C LYS A 140 5.64 -0.40 -12.61
N GLN A 141 4.69 -1.33 -12.52
CA GLN A 141 3.29 -0.97 -12.23
C GLN A 141 3.13 -0.32 -10.86
N ILE A 142 3.78 -0.90 -9.86
CA ILE A 142 3.80 -0.28 -8.53
C ILE A 142 4.40 1.12 -8.63
N LEU A 143 5.54 1.24 -9.32
CA LEU A 143 6.20 2.54 -9.48
C LEU A 143 5.27 3.54 -10.15
N ASN A 144 4.57 3.11 -11.20
CA ASN A 144 3.61 3.99 -11.88
C ASN A 144 2.48 4.47 -10.98
N GLY A 145 1.99 3.59 -10.13
CA GLY A 145 0.96 3.98 -9.18
C GLY A 145 1.46 5.00 -8.16
N VAL A 146 2.67 4.79 -7.67
CA VAL A 146 3.22 5.69 -6.65
C VAL A 146 3.59 7.04 -7.29
N TYR A 147 4.05 6.99 -8.53
CA TYR A 147 4.36 8.21 -9.27
C TYR A 147 3.12 9.09 -9.38
N TYR A 148 1.99 8.48 -9.70
CA TYR A 148 0.71 9.21 -9.70
C TYR A 148 0.44 9.84 -8.33
N LEU A 149 0.49 9.03 -7.27
CA LEU A 149 0.19 9.54 -5.92
C LEU A 149 1.11 10.68 -5.50
N HIS A 150 2.42 10.53 -5.72
CA HIS A 150 3.36 11.56 -5.29
C HIS A 150 3.20 12.83 -6.14
N SER A 151 2.76 12.67 -7.38
CA SER A 151 2.46 13.81 -8.25
C SER A 151 1.34 14.65 -7.62
N LEU A 152 0.43 14.00 -6.89
CA LEU A 152 -0.64 14.72 -6.19
C LEU A 152 -0.30 15.03 -4.72
N GLN A 153 0.98 14.86 -4.38
CA GLN A 153 1.47 15.09 -3.01
C GLN A 153 0.78 14.17 -1.99
N ILE A 154 0.45 12.96 -2.40
CA ILE A 154 -0.13 11.96 -1.50
C ILE A 154 0.91 10.91 -1.12
N ALA A 155 1.17 10.77 0.18
CA ALA A 155 1.98 9.68 0.70
C ALA A 155 1.04 8.54 1.09
N HIS A 156 1.34 7.34 0.61
CA HIS A 156 0.54 6.17 0.99
C HIS A 156 0.77 5.80 2.47
N PHE A 157 2.03 5.70 2.84
CA PHE A 157 2.48 5.42 4.22
C PHE A 157 2.20 3.99 4.72
N ASP A 158 1.71 3.09 3.86
CA ASP A 158 1.48 1.70 4.27
C ASP A 158 1.73 0.73 3.10
N LEU A 159 2.73 1.04 2.29
CA LEU A 159 3.08 0.19 1.16
C LEU A 159 3.78 -1.06 1.68
N LYS A 160 3.21 -2.21 1.34
CA LYS A 160 3.77 -3.51 1.72
C LYS A 160 3.10 -4.52 0.81
N PRO A 161 3.69 -5.72 0.68
CA PRO A 161 3.16 -6.73 -0.25
C PRO A 161 1.67 -6.98 -0.11
N GLU A 162 1.13 -7.04 1.11
CA GLU A 162 -0.29 -7.36 1.20
C GLU A 162 -1.22 -6.25 0.67
N ASN A 163 -0.69 -5.05 0.46
CA ASN A 163 -1.52 -3.98 -0.12
C ASN A 163 -1.30 -3.80 -1.63
N ILE A 164 -0.56 -4.75 -2.21
CA ILE A 164 -0.35 -4.80 -3.67
C ILE A 164 -1.19 -5.96 -4.24
N MET A 165 -2.33 -5.63 -4.87
CA MET A 165 -3.29 -6.65 -5.31
C MET A 165 -3.30 -6.80 -6.84
N LEU A 166 -3.93 -7.86 -7.33
CA LEU A 166 -4.13 -8.03 -8.76
C LEU A 166 -5.60 -7.85 -9.10
N LEU A 167 -5.90 -7.08 -10.14
CA LEU A 167 -7.28 -6.90 -10.58
C LEU A 167 -7.87 -8.26 -11.00
N ASP A 168 -7.15 -8.97 -11.87
CA ASP A 168 -7.58 -10.25 -12.42
C ASP A 168 -6.36 -11.13 -12.67
N ARG A 169 -6.25 -12.23 -11.94
CA ARG A 169 -5.08 -13.10 -12.05
C ARG A 169 -5.16 -14.02 -13.28
N ASN A 170 -6.29 -14.01 -13.97
CA ASN A 170 -6.48 -14.89 -15.12
C ASN A 170 -6.44 -14.17 -16.46
N VAL A 171 -5.42 -13.32 -16.64
CA VAL A 171 -5.19 -12.67 -17.91
C VAL A 171 -3.71 -12.76 -18.24
N PRO A 172 -3.33 -12.59 -19.52
CA PRO A 172 -1.92 -12.70 -19.90
C PRO A 172 -0.98 -11.68 -19.21
N LYS A 173 -1.44 -10.45 -19.04
CA LYS A 173 -0.65 -9.40 -18.39
C LYS A 173 -1.42 -8.76 -17.22
N PRO A 174 -1.40 -9.42 -16.05
CA PRO A 174 -2.20 -9.03 -14.87
C PRO A 174 -1.88 -7.59 -14.41
N ARG A 175 -2.91 -6.87 -13.99
CA ARG A 175 -2.70 -5.50 -13.58
C ARG A 175 -2.70 -5.33 -12.06
N ILE A 176 -1.70 -4.57 -11.62
CA ILE A 176 -1.51 -4.23 -10.22
C ILE A 176 -2.45 -3.10 -9.79
N LYS A 177 -3.02 -3.25 -8.60
CA LYS A 177 -3.75 -2.21 -7.92
C LYS A 177 -3.26 -2.06 -6.48
N ILE A 178 -2.85 -0.83 -6.13
CA ILE A 178 -2.50 -0.48 -4.76
C ILE A 178 -3.76 -0.21 -3.95
N ILE A 179 -3.88 -0.86 -2.79
CA ILE A 179 -5.02 -0.65 -1.92
C ILE A 179 -4.64 -0.14 -0.53
N ASP A 180 -5.67 -0.01 0.31
CA ASP A 180 -5.59 0.38 1.73
C ASP A 180 -4.94 1.75 1.98
N PHE A 181 -5.78 2.77 1.95
CA PHE A 181 -5.35 4.16 2.12
C PHE A 181 -5.67 4.66 3.54
N GLY A 182 -5.71 3.73 4.50
CA GLY A 182 -5.97 4.06 5.89
C GLY A 182 -4.93 4.94 6.56
N LEU A 183 -3.69 4.88 6.11
CA LEU A 183 -2.62 5.71 6.69
C LEU A 183 -2.22 6.88 5.78
N ALA A 184 -2.81 6.96 4.59
CA ALA A 184 -2.37 7.94 3.60
C ALA A 184 -2.64 9.39 4.04
N HIS A 185 -1.75 10.29 3.65
CA HIS A 185 -1.84 11.71 4.02
C HIS A 185 -1.48 12.60 2.84
N LYS A 186 -2.14 13.74 2.72
CA LYS A 186 -1.68 14.81 1.83
C LYS A 186 -0.52 15.54 2.52
N ILE A 187 0.62 15.66 1.86
CA ILE A 187 1.77 16.29 2.48
C ILE A 187 1.58 17.81 2.49
N ASP A 188 1.46 18.38 3.69
CA ASP A 188 1.18 19.81 3.89
C ASP A 188 2.46 20.63 3.97
N PHE A 189 2.60 21.61 3.08
CA PHE A 189 3.82 22.41 3.03
C PHE A 189 4.23 23.09 4.36
N GLY A 190 3.27 23.63 5.08
CA GLY A 190 3.58 24.49 6.22
C GLY A 190 3.79 23.85 7.58
N ASN A 191 3.47 22.57 7.72
CA ASN A 191 3.60 21.93 9.03
C ASN A 191 4.16 20.51 8.94
N GLU A 192 5.19 20.25 9.75
CA GLU A 192 5.75 18.92 9.82
C GLU A 192 4.70 17.93 10.31
N PHE A 193 4.80 16.70 9.82
CA PHE A 193 3.95 15.62 10.29
C PHE A 193 4.85 14.55 10.89
N LYS A 194 4.56 14.14 12.11
CA LYS A 194 5.28 13.06 12.77
C LYS A 194 4.27 12.05 13.28
N ASN A 195 4.62 10.77 13.20
CA ASN A 195 3.80 9.71 13.78
C ASN A 195 4.51 8.38 13.76
N ILE A 196 4.11 7.49 14.66
CA ILE A 196 4.61 6.12 14.68
C ILE A 196 3.43 5.21 14.37
N PHE A 197 3.55 4.44 13.29
CA PHE A 197 2.45 3.65 12.74
C PHE A 197 3.02 2.65 11.74
N GLY A 198 2.15 1.82 11.16
CA GLY A 198 2.59 0.93 10.09
C GLY A 198 3.28 -0.32 10.61
N THR A 199 3.70 -1.19 9.71
CA THR A 199 4.28 -2.50 10.05
C THR A 199 5.81 -2.42 10.10
N PRO A 200 6.41 -2.81 11.24
CA PRO A 200 7.86 -2.65 11.49
C PRO A 200 8.77 -3.06 10.32
N GLU A 201 8.51 -4.21 9.74
CA GLU A 201 9.26 -4.74 8.60
C GLU A 201 9.39 -3.76 7.41
N PHE A 202 8.38 -2.92 7.22
CA PHE A 202 8.23 -2.14 5.99
C PHE A 202 8.33 -0.62 6.14
N VAL A 203 8.42 -0.11 7.37
CA VAL A 203 8.43 1.34 7.57
C VAL A 203 9.84 1.94 7.57
N ALA A 204 9.93 3.19 7.14
CA ALA A 204 11.20 3.90 7.00
C ALA A 204 11.75 4.30 8.38
N PRO A 205 13.07 4.55 8.47
CA PRO A 205 13.67 4.92 9.76
C PRO A 205 13.06 6.18 10.37
N GLU A 206 12.60 7.14 9.54
CA GLU A 206 11.97 8.34 10.08
C GLU A 206 10.66 8.03 10.81
N ILE A 207 9.95 6.99 10.39
CA ILE A 207 8.75 6.58 11.11
C ILE A 207 9.16 5.94 12.44
N VAL A 208 10.16 5.06 12.40
CA VAL A 208 10.63 4.36 13.61
C VAL A 208 11.10 5.35 14.67
N ASN A 209 11.78 6.39 14.22
CA ASN A 209 12.44 7.36 15.09
C ASN A 209 11.64 8.64 15.36
N TYR A 210 10.39 8.63 14.92
CA TYR A 210 9.46 9.74 15.15
C TYR A 210 10.06 11.05 14.63
N GLU A 211 10.57 11.00 13.40
CA GLU A 211 11.12 12.17 12.74
C GLU A 211 10.16 12.67 11.64
N PRO A 212 10.44 13.86 11.04
CA PRO A 212 9.50 14.38 10.04
C PRO A 212 9.28 13.44 8.86
N LEU A 213 8.01 13.30 8.48
CA LEU A 213 7.59 12.34 7.44
C LEU A 213 7.18 13.06 6.15
N GLY A 214 7.33 12.38 5.02
CA GLY A 214 6.92 12.93 3.74
C GLY A 214 6.80 11.82 2.70
N LEU A 215 6.82 12.19 1.42
CA LEU A 215 6.72 11.22 0.33
C LEU A 215 7.86 10.19 0.34
N GLU A 216 9.00 10.59 0.86
CA GLU A 216 10.20 9.76 0.82
C GLU A 216 10.03 8.43 1.57
N ALA A 217 9.18 8.39 2.58
CA ALA A 217 8.95 7.16 3.34
C ALA A 217 8.45 6.05 2.41
N ASP A 218 7.60 6.41 1.46
CA ASP A 218 7.10 5.44 0.48
C ASP A 218 8.23 4.82 -0.35
N MET A 219 9.25 5.61 -0.70
CA MET A 219 10.34 5.09 -1.53
C MET A 219 11.18 4.05 -0.78
N TRP A 220 11.39 4.27 0.51
CA TRP A 220 12.02 3.25 1.37
C TRP A 220 11.24 1.93 1.32
N SER A 221 9.92 1.99 1.54
CA SER A 221 9.09 0.80 1.52
C SER A 221 9.13 0.09 0.17
N ILE A 222 9.21 0.87 -0.91
CA ILE A 222 9.38 0.29 -2.24
C ILE A 222 10.70 -0.49 -2.31
N GLY A 223 11.74 0.03 -1.65
CA GLY A 223 13.01 -0.67 -1.60
C GLY A 223 12.89 -2.01 -0.88
N VAL A 224 12.15 -2.03 0.21
CA VAL A 224 11.90 -3.26 0.94
C VAL A 224 11.09 -4.24 0.08
N ILE A 225 10.06 -3.72 -0.58
CA ILE A 225 9.24 -4.57 -1.44
C ILE A 225 10.07 -5.18 -2.55
N THR A 226 11.01 -4.40 -3.08
CA THR A 226 11.81 -4.85 -4.22
C THR A 226 12.76 -5.96 -3.77
N TYR A 227 13.39 -5.75 -2.63
CA TYR A 227 14.25 -6.75 -2.03
C TYR A 227 13.55 -8.10 -1.86
N ILE A 228 12.33 -8.09 -1.33
CA ILE A 228 11.57 -9.32 -1.12
C ILE A 228 11.15 -9.92 -2.46
N LEU A 229 10.69 -9.07 -3.37
CA LEU A 229 10.29 -9.48 -4.71
C LEU A 229 11.36 -10.33 -5.40
N LEU A 230 12.62 -9.93 -5.26
CA LEU A 230 13.70 -10.63 -5.96
C LEU A 230 14.21 -11.86 -5.20
N SER A 231 14.04 -11.89 -3.88
CA SER A 231 14.70 -12.92 -3.08
C SER A 231 13.78 -13.81 -2.26
N GLY A 232 12.58 -13.30 -1.96
CA GLY A 232 11.67 -14.00 -1.08
C GLY A 232 12.06 -13.87 0.38
N ALA A 233 13.13 -13.12 0.65
CA ALA A 233 13.54 -12.81 2.02
C ALA A 233 13.31 -11.33 2.36
N SER A 234 13.18 -11.06 3.66
CA SER A 234 12.88 -9.72 4.16
C SER A 234 14.13 -9.08 4.74
N PRO A 235 14.45 -7.84 4.32
CA PRO A 235 15.77 -7.28 4.64
C PRO A 235 15.99 -6.96 6.12
N PHE A 236 14.98 -6.48 6.84
CA PHE A 236 15.21 -6.03 8.21
C PHE A 236 14.52 -6.88 9.28
N LEU A 237 13.80 -7.91 8.87
CA LEU A 237 13.02 -8.72 9.80
C LEU A 237 13.90 -9.47 10.82
N GLY A 238 13.78 -9.10 12.09
CA GLY A 238 14.53 -9.73 13.16
C GLY A 238 13.67 -10.67 13.99
N ASP A 239 14.21 -11.11 15.13
CA ASP A 239 13.55 -12.12 15.95
C ASP A 239 12.56 -11.55 16.97
N THR A 240 12.58 -10.23 17.15
CA THR A 240 11.54 -9.53 17.91
C THR A 240 11.17 -8.26 17.16
N LYS A 241 10.03 -7.66 17.50
CA LYS A 241 9.64 -6.37 16.93
C LYS A 241 10.73 -5.32 17.16
N GLN A 242 11.23 -5.24 18.38
CA GLN A 242 12.24 -4.24 18.72
C GLN A 242 13.54 -4.45 17.93
N GLU A 243 13.85 -5.71 17.62
CA GLU A 243 15.06 -5.99 16.86
C GLU A 243 14.89 -5.55 15.40
N THR A 244 13.71 -5.84 14.84
CA THR A 244 13.37 -5.37 13.49
C THR A 244 13.52 -3.86 13.39
N LEU A 245 12.92 -3.15 14.33
CA LEU A 245 13.00 -1.69 14.37
C LEU A 245 14.43 -1.19 14.46
N ALA A 246 15.26 -1.85 15.27
CA ALA A 246 16.67 -1.48 15.37
C ALA A 246 17.41 -1.70 14.05
N ASN A 247 17.11 -2.80 13.36
CA ASN A 247 17.68 -3.08 12.04
C ASN A 247 17.34 -1.97 11.05
N VAL A 248 16.08 -1.57 11.06
CA VAL A 248 15.60 -0.53 10.15
C VAL A 248 16.35 0.78 10.42
N SER A 249 16.36 1.20 11.69
CA SER A 249 17.00 2.45 12.08
C SER A 249 18.47 2.50 11.70
N ALA A 250 19.17 1.38 11.84
CA ALA A 250 20.58 1.33 11.52
C ALA A 250 20.85 0.95 10.05
N VAL A 251 19.78 0.76 9.28
CA VAL A 251 19.89 0.26 7.91
C VAL A 251 20.79 -0.97 7.89
N ASN A 252 20.49 -1.93 8.76
CA ASN A 252 21.26 -3.16 8.88
C ASN A 252 20.66 -4.26 8.03
N TYR A 253 21.22 -4.45 6.83
CA TYR A 253 20.74 -5.48 5.93
C TYR A 253 21.87 -5.95 5.04
N GLU A 254 21.69 -7.10 4.42
CA GLU A 254 22.72 -7.66 3.55
C GLU A 254 22.06 -8.34 2.36
N PHE A 255 22.74 -8.32 1.22
CA PHE A 255 22.33 -9.16 0.11
C PHE A 255 22.96 -10.54 0.35
N GLU A 256 22.30 -11.38 1.17
CA GLU A 256 22.83 -12.70 1.48
C GLU A 256 23.04 -13.56 0.23
N ASP A 257 24.28 -14.04 0.03
CA ASP A 257 24.59 -14.87 -1.14
C ASP A 257 23.59 -16.01 -1.36
N GLU A 258 23.04 -16.53 -0.27
CA GLU A 258 22.06 -17.62 -0.37
C GLU A 258 20.86 -17.19 -1.20
N TYR A 259 20.50 -15.93 -1.11
CA TYR A 259 19.26 -15.43 -1.72
C TYR A 259 19.48 -14.54 -2.95
N PHE A 260 20.67 -13.96 -3.05
CA PHE A 260 20.92 -12.98 -4.10
C PHE A 260 22.02 -13.39 -5.08
N SER A 261 22.32 -14.69 -5.16
CA SER A 261 23.42 -15.15 -5.98
C SER A 261 23.20 -14.89 -7.47
N ASN A 262 21.93 -14.91 -7.90
CA ASN A 262 21.58 -14.68 -9.30
C ASN A 262 21.06 -13.28 -9.60
N THR A 263 21.27 -12.34 -8.67
CA THR A 263 20.72 -11.00 -8.82
C THR A 263 21.75 -10.03 -9.42
N SER A 264 21.30 -9.23 -10.39
CA SER A 264 22.21 -8.32 -11.11
C SER A 264 22.73 -7.20 -10.24
N ALA A 265 23.87 -6.62 -10.64
CA ALA A 265 24.45 -5.47 -9.97
C ALA A 265 23.52 -4.26 -10.02
N LEU A 266 22.80 -4.09 -11.13
CA LEU A 266 21.87 -2.98 -11.28
C LEU A 266 20.66 -3.11 -10.34
N ALA A 267 20.18 -4.33 -10.17
CA ALA A 267 19.07 -4.56 -9.24
C ALA A 267 19.50 -4.20 -7.82
N LYS A 268 20.71 -4.60 -7.44
CA LYS A 268 21.22 -4.26 -6.11
C LYS A 268 21.43 -2.76 -5.94
N ASP A 269 21.88 -2.10 -7.00
CA ASP A 269 22.10 -0.66 -6.96
C ASP A 269 20.78 0.10 -6.76
N PHE A 270 19.74 -0.35 -7.45
CA PHE A 270 18.37 0.20 -7.31
C PHE A 270 17.92 0.14 -5.85
N ILE A 271 18.02 -1.05 -5.26
CA ILE A 271 17.66 -1.23 -3.87
C ILE A 271 18.50 -0.36 -2.94
N ARG A 272 19.82 -0.35 -3.13
CA ARG A 272 20.72 0.46 -2.29
C ARG A 272 20.39 1.94 -2.31
N ARG A 273 19.94 2.44 -3.46
CA ARG A 273 19.59 3.86 -3.59
C ARG A 273 18.25 4.19 -2.90
N LEU A 274 17.48 3.17 -2.54
CA LEU A 274 16.21 3.36 -1.82
C LEU A 274 16.35 3.15 -0.32
N LEU A 275 17.15 2.17 0.09
CA LEU A 275 17.32 1.89 1.51
C LEU A 275 18.43 2.79 2.05
N VAL A 276 18.09 4.07 2.14
CA VAL A 276 18.98 5.16 2.52
C VAL A 276 18.35 5.88 3.70
N LYS A 277 19.07 5.99 4.81
CA LYS A 277 18.49 6.51 6.05
C LYS A 277 18.03 7.96 5.93
N ASP A 278 18.87 8.81 5.35
CA ASP A 278 18.54 10.21 5.14
C ASP A 278 17.53 10.35 4.01
N PRO A 279 16.31 10.80 4.34
CA PRO A 279 15.24 10.87 3.33
C PRO A 279 15.61 11.80 2.17
N LYS A 280 16.44 12.80 2.43
CA LYS A 280 16.80 13.77 1.41
C LYS A 280 17.84 13.23 0.43
N LYS A 281 18.47 12.12 0.78
CA LYS A 281 19.44 11.50 -0.13
C LYS A 281 18.86 10.26 -0.81
N ARG A 282 17.66 9.87 -0.38
CA ARG A 282 16.95 8.71 -0.93
C ARG A 282 16.48 9.00 -2.36
N MET A 283 16.55 8.00 -3.24
CA MET A 283 16.04 8.14 -4.59
C MET A 283 14.55 8.48 -4.57
N THR A 284 14.13 9.46 -5.38
CA THR A 284 12.71 9.84 -5.49
C THR A 284 11.96 8.92 -6.48
N ILE A 285 10.63 8.99 -6.49
CA ILE A 285 9.88 8.15 -7.43
C ILE A 285 10.23 8.54 -8.88
N GLN A 286 10.41 9.84 -9.13
CA GLN A 286 10.70 10.31 -10.48
C GLN A 286 12.04 9.75 -10.95
N ASP A 287 13.02 9.75 -10.06
CA ASP A 287 14.32 9.21 -10.41
C ASP A 287 14.34 7.70 -10.51
N SER A 288 13.50 7.02 -9.74
CA SER A 288 13.50 5.56 -9.76
C SER A 288 13.06 5.09 -11.14
N LEU A 289 12.15 5.83 -11.78
CA LEU A 289 11.67 5.45 -13.11
C LEU A 289 12.70 5.69 -14.22
N GLN A 290 13.75 6.46 -13.91
CA GLN A 290 14.84 6.73 -14.86
C GLN A 290 16.08 5.88 -14.57
N HIS A 291 16.06 5.14 -13.47
CA HIS A 291 17.18 4.25 -13.12
C HIS A 291 17.37 3.18 -14.20
N PRO A 292 18.63 2.93 -14.59
CA PRO A 292 18.93 1.99 -15.68
C PRO A 292 18.35 0.58 -15.52
N TRP A 293 18.08 0.14 -14.29
CA TRP A 293 17.46 -1.17 -14.08
C TRP A 293 16.03 -1.18 -14.59
N ILE A 294 15.38 -0.02 -14.51
CA ILE A 294 13.97 0.13 -14.85
C ILE A 294 13.80 0.65 -16.28
N LYS A 295 14.72 1.52 -16.67
CA LYS A 295 14.72 2.12 -17.99
C LYS A 295 16.09 1.91 -18.65
N PRO A 296 16.30 0.72 -19.24
CA PRO A 296 17.58 0.31 -19.83
C PRO A 296 18.03 1.18 -21.01
CBF 38G B . -8.39 -2.48 3.62
OBE 38G B . -8.46 -1.09 3.31
CAZ 38G B . -8.82 -0.81 2.01
CAY 38G B . -9.12 -1.80 1.08
CBA 38G B . -8.89 0.55 1.67
OBD 38G B . -8.56 1.43 2.63
CBB 38G B . -9.23 0.96 0.38
CBC 38G B . -9.53 -0.04 -0.54
CAX 38G B . -9.49 -1.40 -0.20
CAV 38G B . -9.83 -2.36 -1.15
CAU 38G B . -10.56 -1.96 -2.27
CAT 38G B . -10.99 -2.91 -3.19
NAW 38G B . -9.70 -3.67 -0.92
NAS 38G B . -10.10 -4.52 -1.80
CAR 38G B . -10.75 -4.19 -2.94
NAQ 38G B . -11.05 -5.30 -3.61
CAP 38G B . -10.58 -6.33 -2.90
CAG 38G B . -9.99 -5.85 -1.79
CAB 38G B . -9.41 -6.62 -0.83
CAA 38G B . -8.88 -6.07 0.35
CAC 38G B . -9.34 -7.99 -0.99
CAD 38G B . -8.75 -8.80 -0.01
CAE 38G B . -8.21 -8.24 1.15
CAF 38G B . -8.30 -6.86 1.33
CAH 38G B . -7.73 -6.26 2.47
OAI 38G B . -8.73 -5.62 3.28
NAJ 38G B . -6.99 -7.26 3.27
CAK 38G B . -6.20 -6.62 4.33
CAL 38G B . -5.17 -5.65 3.70
NAM 38G B . -4.32 -5.03 4.72
CAO 38G B . -3.59 -6.08 5.44
CAN 38G B . -5.18 -4.32 5.68
C1 EDO C . -16.49 -3.58 10.48
O1 EDO C . -16.04 -4.47 11.51
C2 EDO C . -17.88 -3.10 10.86
O2 EDO C . -17.79 -2.57 12.20
C1 EDO D . 10.40 13.72 5.13
O1 EDO D . 11.82 13.74 4.98
C2 EDO D . 9.85 15.09 4.80
O2 EDO D . 10.44 16.03 5.72
C1 EDO E . 14.33 20.18 11.18
O1 EDO E . 13.60 20.01 9.96
C2 EDO E . 13.35 20.68 12.23
O2 EDO E . 12.31 19.70 12.37
C1 EDO F . 24.41 -4.13 0.77
O1 EDO F . 24.96 -2.97 0.16
C2 EDO F . 23.76 -3.76 2.11
O2 EDO F . 24.68 -2.99 2.88
C1 EDO G . 8.08 -13.69 -5.39
O1 EDO G . 8.01 -15.09 -5.05
C2 EDO G . 7.82 -12.86 -4.14
O2 EDO G . 8.73 -13.27 -3.11
C1 EDO H . 12.69 -16.06 -5.43
O1 EDO H . 12.18 -16.52 -6.69
C2 EDO H . 11.84 -14.88 -4.95
O2 EDO H . 10.62 -15.38 -4.39
#